data_2OFU
#
_entry.id   2OFU
#
_cell.length_a   42.43
_cell.length_b   73.53
_cell.length_c   92.81
_cell.angle_alpha   90
_cell.angle_beta   90
_cell.angle_gamma   90
#
_symmetry.space_group_name_H-M   'P 21 21 21'
#
loop_
_entity.id
_entity.type
_entity.pdbx_description
1 polymer 'Proto-oncogene tyrosine-protein kinase LCK'
2 non-polymer 'SULFATE ION'
3 non-polymer '2,6-DIMETHYLPHENYL 2-(3,5-DIMETHOXY-4-(3-(4-METHYLPIPERAZIN-1-YL)PROPOXY)PHENYLAMINO)PYRIMIDIN- 4-YL(2,4-DIMETHOXYPHENYL)CARBAMATE'
4 water water
#
_entity_poly.entity_id   1
_entity_poly.type   'polypeptide(L)'
_entity_poly.pdbx_seq_one_letter_code
;PQKPWWEDEWEVPRETLKLVERLGAGQFGEVWMGYYNGHTKVAVKSLKQGSMSPDAFLAEANLMKQLQHQRLVRLYAVVT
QEPIYIITEYMENGSLVDFLKTPSGIKLTINKLLDMAAQIAEGMAFIEERNYIHRDLRAANILVSDTLSCKIADFGLARL
IEDNE(PTR)TAREGAKFPIKWTAPEAINYGTFTIKSDVWSFGILLTEIVTHGRIPYPGMTNPEVIQNLERGYRMVRPDN
CPEELYQLMRLCWKERPEDRPTFDYLRSVLEDFFTAT
;
_entity_poly.pdbx_strand_id   A
#
loop_
_chem_comp.id
_chem_comp.type
_chem_comp.name
_chem_comp.formula
1N9 non-polymer '2,6-DIMETHYLPHENYL 2-(3,5-DIMETHOXY-4-(3-(4-METHYLPIPERAZIN-1-YL)PROPOXY)PHENYLAMINO)PYRIMIDIN- 4-YL(2,4-DIMETHOXYPHENYL)CARBAMATE' 'C37 H46 N6 O7'
SO4 non-polymer 'SULFATE ION' 'O4 S -2'
#
# COMPACT_ATOMS: atom_id res chain seq x y z
N PRO A 1 -7.53 17.18 18.57
CA PRO A 1 -6.17 17.39 18.07
C PRO A 1 -5.25 16.33 18.67
N GLN A 2 -3.96 16.47 18.41
CA GLN A 2 -2.95 15.57 18.93
C GLN A 2 -2.44 16.12 20.27
N LYS A 3 -1.76 15.29 21.05
CA LYS A 3 -1.21 15.76 22.32
C LYS A 3 -0.08 16.69 21.92
N PRO A 4 0.28 17.66 22.76
CA PRO A 4 1.37 18.55 22.37
C PRO A 4 2.63 17.70 22.26
N TRP A 5 3.61 18.16 21.48
CA TRP A 5 4.84 17.40 21.31
C TRP A 5 5.52 17.08 22.63
N TRP A 6 5.40 17.96 23.62
CA TRP A 6 6.04 17.70 24.90
C TRP A 6 5.28 16.61 25.67
N GLU A 7 4.12 16.22 25.17
CA GLU A 7 3.34 15.16 25.81
C GLU A 7 3.14 13.94 24.90
N ASP A 8 3.18 14.15 23.59
CA ASP A 8 3.00 13.05 22.64
C ASP A 8 4.07 11.95 22.84
N GLU A 9 3.64 10.73 23.14
CA GLU A 9 4.54 9.60 23.33
C GLU A 9 5.34 9.28 22.08
N TRP A 10 4.88 9.80 20.95
CA TRP A 10 5.58 9.52 19.71
C TRP A 10 6.74 10.44 19.36
N GLU A 11 6.76 11.61 19.99
CA GLU A 11 7.81 12.61 19.77
C GLU A 11 9.14 12.13 20.34
N VAL A 12 10.20 12.25 19.54
CA VAL A 12 11.55 11.90 19.95
C VAL A 12 12.50 13.02 19.53
N PRO A 13 13.53 13.27 20.34
CA PRO A 13 14.51 14.33 20.02
C PRO A 13 15.20 13.95 18.71
N ARG A 14 15.44 14.92 17.84
CA ARG A 14 16.09 14.66 16.56
C ARG A 14 17.49 14.07 16.76
N GLU A 15 18.06 14.30 17.95
CA GLU A 15 19.38 13.79 18.25
C GLU A 15 19.43 12.27 18.26
N THR A 16 18.29 11.64 18.52
CA THR A 16 18.20 10.18 18.58
C THR A 16 18.34 9.51 17.22
N LEU A 17 18.28 10.31 16.15
CA LEU A 17 18.37 9.79 14.79
C LEU A 17 19.61 10.20 14.01
N LYS A 18 20.04 9.28 13.16
CA LYS A 18 21.19 9.46 12.31
C LYS A 18 20.83 8.84 10.95
N LEU A 19 20.71 9.69 9.93
CA LEU A 19 20.41 9.25 8.56
C LEU A 19 21.63 8.70 7.90
N VAL A 20 21.52 7.49 7.39
CA VAL A 20 22.66 6.80 6.78
C VAL A 20 22.63 6.64 5.26
N GLU A 21 21.55 6.09 4.74
CA GLU A 21 21.45 5.86 3.31
C GLU A 21 20.11 6.35 2.76
N ARG A 22 20.16 7.12 1.68
CA ARG A 22 18.95 7.64 1.09
C ARG A 22 18.26 6.57 0.25
N LEU A 23 16.98 6.32 0.51
CA LEU A 23 16.21 5.33 -0.22
C LEU A 23 15.45 5.97 -1.38
N GLY A 24 14.89 7.16 -1.15
CA GLY A 24 14.16 7.84 -2.20
C GLY A 24 14.23 9.34 -2.05
N ALA A 25 14.12 10.06 -3.17
CA ALA A 25 14.15 11.53 -3.17
C ALA A 25 13.04 12.02 -4.08
N GLY A 26 12.16 12.84 -3.52
CA GLY A 26 11.05 13.36 -4.30
C GLY A 26 10.89 14.86 -4.18
N GLN A 27 9.80 15.34 -4.74
CA GLN A 27 9.45 16.75 -4.77
C GLN A 27 9.07 17.29 -3.39
N PHE A 28 8.52 16.42 -2.54
CA PHE A 28 8.10 16.81 -1.21
C PHE A 28 9.09 16.39 -0.13
N GLY A 29 10.16 15.73 -0.52
CA GLY A 29 11.11 15.32 0.50
C GLY A 29 11.93 14.09 0.18
N GLU A 30 12.60 13.58 1.21
CA GLU A 30 13.45 12.41 1.06
C GLU A 30 13.10 11.35 2.09
N VAL A 31 13.49 10.12 1.79
CA VAL A 31 13.27 9.02 2.73
C VAL A 31 14.61 8.35 2.87
N TRP A 32 15.00 8.10 4.12
CA TRP A 32 16.29 7.50 4.44
C TRP A 32 16.23 6.28 5.35
N MET A 33 17.29 5.47 5.25
CA MET A 33 17.46 4.32 6.11
C MET A 33 18.34 4.94 7.19
N GLY A 34 17.95 4.75 8.44
CA GLY A 34 18.74 5.32 9.50
C GLY A 34 18.74 4.47 10.75
N TYR A 35 19.27 5.04 11.82
CA TYR A 35 19.35 4.36 13.10
C TYR A 35 18.79 5.22 14.23
N TYR A 36 18.00 4.58 15.09
CA TYR A 36 17.43 5.24 16.25
C TYR A 36 18.28 4.76 17.44
N ASN A 37 18.79 5.72 18.20
CA ASN A 37 19.64 5.43 19.35
C ASN A 37 20.75 4.44 19.00
N GLY A 38 21.31 4.60 17.80
CA GLY A 38 22.42 3.76 17.35
C GLY A 38 22.18 2.35 16.85
N HIS A 39 21.46 1.54 17.63
CA HIS A 39 21.22 0.14 17.31
C HIS A 39 19.99 -0.25 16.51
N THR A 40 18.95 0.56 16.57
CA THR A 40 17.70 0.24 15.87
C THR A 40 17.54 0.84 14.48
N LYS A 41 17.46 -0.04 13.49
CA LYS A 41 17.32 0.36 12.10
C LYS A 41 15.90 0.85 11.81
N VAL A 42 15.82 2.05 11.23
CA VAL A 42 14.53 2.64 10.90
C VAL A 42 14.53 3.36 9.56
N ALA A 43 13.33 3.78 9.15
CA ALA A 43 13.16 4.53 7.91
C ALA A 43 12.74 5.93 8.34
N VAL A 44 13.33 6.93 7.72
CA VAL A 44 13.01 8.30 8.05
C VAL A 44 12.59 9.12 6.83
N LYS A 45 11.43 9.74 6.94
CA LYS A 45 10.91 10.58 5.87
C LYS A 45 11.06 12.03 6.34
N SER A 46 11.71 12.85 5.51
CA SER A 46 11.93 14.25 5.83
C SER A 46 11.14 15.15 4.91
N LEU A 47 10.59 16.23 5.46
CA LEU A 47 9.79 17.15 4.65
C LEU A 47 10.66 18.19 3.97
N LYS A 48 10.48 18.36 2.67
CA LYS A 48 11.22 19.39 1.98
C LYS A 48 10.41 20.64 2.28
N GLN A 49 10.96 21.55 3.08
CA GLN A 49 10.24 22.76 3.43
C GLN A 49 9.81 23.59 2.25
N GLY A 50 8.59 24.12 2.30
CA GLY A 50 8.09 24.92 1.21
C GLY A 50 7.30 24.07 0.23
N SER A 51 7.70 22.81 0.10
CA SER A 51 7.04 21.88 -0.82
C SER A 51 5.60 21.62 -0.43
N MET A 52 5.35 21.50 0.87
CA MET A 52 3.99 21.27 1.31
C MET A 52 3.82 21.67 2.76
N SER A 53 2.57 21.78 3.19
CA SER A 53 2.25 22.15 4.56
C SER A 53 2.65 21.07 5.57
N PRO A 54 3.21 21.48 6.70
CA PRO A 54 3.63 20.55 7.76
C PRO A 54 2.39 19.81 8.27
N ASP A 55 1.26 20.51 8.29
CA ASP A 55 0.01 19.92 8.73
C ASP A 55 -0.30 18.79 7.78
N ALA A 56 -0.19 19.09 6.49
CA ALA A 56 -0.45 18.12 5.43
C ALA A 56 0.52 16.94 5.55
N PHE A 57 1.77 17.23 5.88
CA PHE A 57 2.81 16.20 6.03
C PHE A 57 2.60 15.22 7.19
N LEU A 58 2.30 15.76 8.35
CA LEU A 58 2.10 14.96 9.55
C LEU A 58 0.77 14.21 9.64
N ALA A 59 -0.19 14.59 8.81
CA ALA A 59 -1.50 13.93 8.85
C ALA A 59 -1.42 12.40 8.75
N GLU A 60 -0.55 11.88 7.90
CA GLU A 60 -0.46 10.43 7.76
C GLU A 60 0.20 9.83 9.01
N ALA A 61 1.08 10.59 9.64
CA ALA A 61 1.73 10.10 10.86
C ALA A 61 0.63 9.92 11.93
N ASN A 62 -0.25 10.90 12.04
CA ASN A 62 -1.34 10.87 13.02
C ASN A 62 -2.26 9.68 12.76
N LEU A 63 -2.55 9.38 11.50
CA LEU A 63 -3.41 8.24 11.20
C LEU A 63 -2.71 6.97 11.64
N MET A 64 -1.40 6.86 11.35
CA MET A 64 -0.66 5.67 11.72
C MET A 64 -0.61 5.46 13.22
N LYS A 65 -0.81 6.54 13.99
CA LYS A 65 -0.81 6.43 15.44
C LYS A 65 -2.06 5.64 15.80
N GLN A 66 -3.10 5.79 14.98
CA GLN A 66 -4.36 5.09 15.16
C GLN A 66 -4.46 3.71 14.56
N LEU A 67 -3.79 3.51 13.43
CA LEU A 67 -3.85 2.22 12.75
C LEU A 67 -2.59 1.40 12.90
N GLN A 68 -2.61 0.43 13.82
CA GLN A 68 -1.46 -0.43 14.09
C GLN A 68 -1.76 -1.93 13.98
N HIS A 69 -0.89 -2.66 13.27
CA HIS A 69 -1.05 -4.11 13.10
C HIS A 69 0.27 -4.73 12.59
N GLN A 70 0.53 -6.00 12.93
CA GLN A 70 1.76 -6.67 12.48
C GLN A 70 1.94 -6.60 10.96
N ARG A 71 0.82 -6.61 10.23
CA ARG A 71 0.89 -6.59 8.77
C ARG A 71 0.98 -5.21 8.12
N LEU A 72 1.03 -4.16 8.95
CA LEU A 72 1.14 -2.78 8.46
C LEU A 72 2.43 -2.14 9.00
N VAL A 73 3.20 -1.49 8.12
CA VAL A 73 4.43 -0.83 8.54
C VAL A 73 4.11 0.10 9.70
N ARG A 74 4.75 -0.17 10.84
CA ARG A 74 4.53 0.57 12.06
C ARG A 74 5.21 1.90 12.24
N LEU A 75 4.43 2.88 12.72
CA LEU A 75 4.94 4.19 13.00
C LEU A 75 5.91 4.00 14.16
N TYR A 76 7.09 4.59 14.06
CA TYR A 76 8.08 4.47 15.10
C TYR A 76 8.16 5.71 15.97
N ALA A 77 8.18 6.88 15.34
CA ALA A 77 8.26 8.17 16.03
C ALA A 77 8.01 9.32 15.06
N VAL A 78 8.01 10.53 15.62
CA VAL A 78 7.79 11.74 14.86
C VAL A 78 8.58 12.85 15.51
N VAL A 79 9.09 13.74 14.67
CA VAL A 79 9.82 14.91 15.13
C VAL A 79 8.97 16.02 14.52
N THR A 80 8.28 16.76 15.39
CA THR A 80 7.40 17.81 14.93
C THR A 80 7.84 19.27 15.03
N GLN A 81 9.08 19.49 15.41
CA GLN A 81 9.63 20.83 15.48
C GLN A 81 10.58 20.86 14.27
N GLU A 82 10.36 21.76 13.32
CA GLU A 82 11.19 21.83 12.10
C GLU A 82 12.69 21.72 12.27
N PRO A 83 13.36 20.97 11.37
CA PRO A 83 12.74 20.23 10.29
C PRO A 83 11.95 19.03 10.84
N ILE A 84 10.87 18.66 10.15
CA ILE A 84 9.98 17.60 10.57
C ILE A 84 10.32 16.24 9.96
N TYR A 85 10.19 15.18 10.76
CA TYR A 85 10.46 13.81 10.30
C TYR A 85 9.37 12.84 10.73
N ILE A 86 9.15 11.81 9.91
CA ILE A 86 8.22 10.75 10.22
C ILE A 86 9.11 9.51 10.21
N ILE A 87 9.20 8.82 11.33
CA ILE A 87 10.05 7.63 11.41
C ILE A 87 9.19 6.37 11.51
N THR A 88 9.58 5.35 10.76
CA THR A 88 8.82 4.11 10.74
C THR A 88 9.67 2.85 10.86
N GLU A 89 8.95 1.75 11.03
CA GLU A 89 9.53 0.42 11.10
C GLU A 89 10.29 0.24 9.77
N TYR A 90 11.44 -0.42 9.81
CA TYR A 90 12.25 -0.64 8.61
C TYR A 90 12.05 -2.02 7.95
N MET A 91 11.91 -2.01 6.63
CA MET A 91 11.72 -3.25 5.85
C MET A 91 12.97 -3.44 4.98
N GLU A 92 13.78 -4.45 5.32
CA GLU A 92 15.02 -4.72 4.61
C GLU A 92 14.95 -4.97 3.10
N ASN A 93 13.95 -5.69 2.63
CA ASN A 93 13.92 -5.97 1.20
C ASN A 93 13.15 -5.02 0.29
N GLY A 94 12.91 -3.81 0.76
CA GLY A 94 12.23 -2.81 -0.03
C GLY A 94 10.80 -3.09 -0.47
N SER A 95 10.41 -2.46 -1.59
CA SER A 95 9.07 -2.65 -2.12
C SER A 95 8.96 -4.00 -2.81
N LEU A 96 7.77 -4.58 -2.75
CA LEU A 96 7.51 -5.86 -3.38
C LEU A 96 7.74 -5.78 -4.88
N VAL A 97 7.31 -4.68 -5.49
CA VAL A 97 7.50 -4.51 -6.93
C VAL A 97 8.98 -4.60 -7.36
N ASP A 98 9.88 -4.10 -6.51
CA ASP A 98 11.31 -4.15 -6.81
C ASP A 98 11.92 -5.51 -6.45
N PHE A 99 11.60 -5.98 -5.24
CA PHE A 99 12.10 -7.26 -4.75
C PHE A 99 11.83 -8.42 -5.72
N LEU A 100 10.65 -8.43 -6.32
CA LEU A 100 10.27 -9.50 -7.24
C LEU A 100 11.13 -9.57 -8.49
N LYS A 101 11.91 -8.52 -8.74
CA LYS A 101 12.79 -8.46 -9.92
C LYS A 101 14.23 -8.84 -9.60
N THR A 102 14.55 -8.97 -8.32
CA THR A 102 15.90 -9.35 -7.90
C THR A 102 16.10 -10.85 -8.09
N PRO A 103 17.36 -11.32 -8.05
CA PRO A 103 17.64 -12.74 -8.22
C PRO A 103 16.85 -13.58 -7.22
N SER A 104 16.71 -13.07 -5.99
CA SER A 104 15.95 -13.77 -4.96
C SER A 104 14.47 -13.82 -5.31
N GLY A 105 13.92 -12.67 -5.71
CA GLY A 105 12.51 -12.59 -6.04
C GLY A 105 12.13 -13.44 -7.24
N ILE A 106 12.99 -13.43 -8.26
CA ILE A 106 12.75 -14.20 -9.48
C ILE A 106 12.59 -15.68 -9.19
N LYS A 107 13.26 -16.20 -8.17
CA LYS A 107 13.16 -17.61 -7.83
C LYS A 107 11.97 -17.99 -6.96
N LEU A 108 11.18 -17.01 -6.52
CA LEU A 108 10.01 -17.31 -5.69
C LEU A 108 9.08 -18.26 -6.43
N THR A 109 8.57 -19.25 -5.72
CA THR A 109 7.66 -20.22 -6.30
C THR A 109 6.24 -19.64 -6.24
N ILE A 110 5.33 -20.20 -7.01
CA ILE A 110 3.96 -19.71 -6.99
C ILE A 110 3.41 -19.84 -5.56
N ASN A 111 3.81 -20.90 -4.85
CA ASN A 111 3.35 -21.10 -3.47
C ASN A 111 3.71 -19.90 -2.58
N LYS A 112 4.91 -19.38 -2.74
CA LYS A 112 5.34 -18.25 -1.92
C LYS A 112 4.63 -16.96 -2.32
N LEU A 113 4.32 -16.84 -3.60
CA LEU A 113 3.63 -15.66 -4.10
C LEU A 113 2.21 -15.62 -3.53
N LEU A 114 1.61 -16.81 -3.38
CA LEU A 114 0.26 -16.92 -2.83
C LEU A 114 0.31 -16.59 -1.34
N ASP A 115 1.37 -17.06 -0.68
CA ASP A 115 1.56 -16.79 0.74
C ASP A 115 1.58 -15.27 0.92
N MET A 116 2.47 -14.62 0.19
CA MET A 116 2.59 -13.17 0.25
C MET A 116 1.25 -12.47 -0.04
N ALA A 117 0.52 -12.97 -1.04
CA ALA A 117 -0.76 -12.38 -1.42
C ALA A 117 -1.73 -12.45 -0.24
N ALA A 118 -1.72 -13.58 0.47
CA ALA A 118 -2.60 -13.78 1.62
C ALA A 118 -2.16 -12.85 2.75
N GLN A 119 -0.85 -12.68 2.91
CA GLN A 119 -0.32 -11.79 3.94
C GLN A 119 -0.84 -10.36 3.73
N ILE A 120 -0.83 -9.94 2.47
CA ILE A 120 -1.30 -8.61 2.10
C ILE A 120 -2.80 -8.47 2.37
N ALA A 121 -3.58 -9.48 1.98
CA ALA A 121 -5.02 -9.47 2.21
C ALA A 121 -5.33 -9.47 3.71
N GLU A 122 -4.47 -10.12 4.48
CA GLU A 122 -4.64 -10.19 5.93
C GLU A 122 -4.60 -8.76 6.46
N GLY A 123 -3.59 -8.01 6.05
CA GLY A 123 -3.47 -6.63 6.48
C GLY A 123 -4.64 -5.74 6.06
N MET A 124 -5.10 -5.91 4.81
CA MET A 124 -6.22 -5.12 4.31
C MET A 124 -7.51 -5.49 5.06
N ALA A 125 -7.61 -6.73 5.49
CA ALA A 125 -8.78 -7.20 6.23
C ALA A 125 -8.87 -6.40 7.53
N PHE A 126 -7.72 -6.11 8.12
CA PHE A 126 -7.68 -5.33 9.35
C PHE A 126 -8.10 -3.88 9.06
N ILE A 127 -7.58 -3.32 7.98
CA ILE A 127 -7.92 -1.95 7.58
C ILE A 127 -9.43 -1.88 7.33
N GLU A 128 -9.94 -2.92 6.68
CA GLU A 128 -11.36 -3.07 6.37
C GLU A 128 -12.21 -3.10 7.65
N GLU A 129 -11.80 -3.93 8.60
CA GLU A 129 -12.50 -4.07 9.87
C GLU A 129 -12.47 -2.80 10.75
N ARG A 130 -11.38 -2.04 10.65
CA ARG A 130 -11.24 -0.80 11.43
C ARG A 130 -11.90 0.41 10.73
N ASN A 131 -12.67 0.16 9.68
CA ASN A 131 -13.34 1.25 8.96
C ASN A 131 -12.44 2.24 8.22
N TYR A 132 -11.29 1.76 7.74
CA TYR A 132 -10.39 2.61 6.98
C TYR A 132 -10.34 2.11 5.52
N ILE A 133 -9.72 2.94 4.68
CA ILE A 133 -9.49 2.63 3.27
C ILE A 133 -8.08 3.14 3.03
N HIS A 134 -7.39 2.52 2.05
CA HIS A 134 -6.02 2.85 1.69
C HIS A 134 -5.95 3.78 0.49
N ARG A 135 -6.62 3.39 -0.60
CA ARG A 135 -6.68 4.18 -1.84
C ARG A 135 -5.38 4.23 -2.65
N ASP A 136 -4.32 3.60 -2.15
CA ASP A 136 -3.05 3.60 -2.86
C ASP A 136 -2.47 2.18 -2.81
N LEU A 137 -3.36 1.19 -2.80
CA LEU A 137 -2.96 -0.22 -2.74
C LEU A 137 -2.37 -0.67 -4.07
N ARG A 138 -1.07 -0.96 -4.04
CA ARG A 138 -0.32 -1.38 -5.21
C ARG A 138 0.97 -2.04 -4.73
N ALA A 139 1.55 -2.89 -5.55
CA ALA A 139 2.79 -3.57 -5.20
C ALA A 139 3.88 -2.60 -4.75
N ALA A 140 3.87 -1.39 -5.31
CA ALA A 140 4.85 -0.38 -4.96
C ALA A 140 4.79 -0.04 -3.46
N ASN A 141 3.59 -0.12 -2.88
CA ASN A 141 3.42 0.20 -1.47
C ASN A 141 3.30 -0.97 -0.51
N ILE A 142 3.84 -2.11 -0.94
CA ILE A 142 3.89 -3.30 -0.13
C ILE A 142 5.39 -3.48 0.10
N LEU A 143 5.80 -3.51 1.36
CA LEU A 143 7.22 -3.66 1.66
C LEU A 143 7.53 -5.08 2.12
N VAL A 144 8.74 -5.54 1.83
CA VAL A 144 9.17 -6.89 2.19
C VAL A 144 10.27 -6.92 3.25
N SER A 145 10.11 -7.79 4.24
CA SER A 145 11.07 -7.92 5.33
C SER A 145 12.20 -8.87 4.97
N ASP A 146 13.17 -9.00 5.88
CA ASP A 146 14.31 -9.90 5.68
C ASP A 146 13.86 -11.35 5.77
N THR A 147 12.72 -11.59 6.42
CA THR A 147 12.19 -12.95 6.57
C THR A 147 11.16 -13.24 5.46
N LEU A 148 11.13 -12.38 4.44
CA LEU A 148 10.21 -12.54 3.32
C LEU A 148 8.73 -12.46 3.68
N SER A 149 8.40 -11.55 4.58
CA SER A 149 7.02 -11.32 4.97
C SER A 149 6.70 -9.94 4.40
N CYS A 150 5.42 -9.68 4.17
CA CYS A 150 4.99 -8.42 3.59
C CYS A 150 4.18 -7.53 4.51
N LYS A 151 4.30 -6.22 4.31
CA LYS A 151 3.54 -5.26 5.08
C LYS A 151 3.02 -4.12 4.21
N ILE A 152 1.86 -3.60 4.57
CA ILE A 152 1.25 -2.47 3.85
C ILE A 152 1.89 -1.17 4.33
N ALA A 153 2.30 -0.33 3.38
CA ALA A 153 2.92 0.95 3.68
C ALA A 153 2.25 2.11 2.92
N ASP A 154 2.73 3.31 3.22
CA ASP A 154 2.27 4.56 2.61
C ASP A 154 0.78 4.83 2.81
N PHE A 155 0.45 5.38 3.98
CA PHE A 155 -0.94 5.70 4.31
C PHE A 155 -1.28 7.15 3.96
N GLY A 156 -0.53 7.72 3.03
CA GLY A 156 -0.75 9.10 2.60
C GLY A 156 -2.17 9.41 2.17
N LEU A 157 -2.78 8.50 1.42
CA LEU A 157 -4.15 8.69 0.95
C LEU A 157 -5.15 7.98 1.85
N ALA A 158 -4.64 7.19 2.78
CA ALA A 158 -5.49 6.42 3.70
C ALA A 158 -6.40 7.35 4.48
N ARG A 159 -7.62 6.89 4.74
CA ARG A 159 -8.59 7.70 5.47
C ARG A 159 -9.56 6.88 6.32
N LEU A 160 -9.88 7.43 7.49
CA LEU A 160 -10.83 6.78 8.39
C LEU A 160 -12.19 7.12 7.79
N ILE A 161 -12.99 6.09 7.56
CA ILE A 161 -14.30 6.28 6.94
C ILE A 161 -15.42 6.38 7.97
N GLU A 162 -16.23 7.40 7.82
CA GLU A 162 -17.32 7.66 8.74
C GLU A 162 -18.57 6.83 8.41
N ASP A 163 -18.91 6.69 7.12
CA ASP A 163 -20.10 5.94 6.83
C ASP A 163 -19.93 5.41 5.43
N ASN A 164 -19.16 4.32 5.35
CA ASN A 164 -18.91 3.62 4.10
C ASN A 164 -18.07 4.28 2.97
N GLU A 165 -18.25 5.57 2.72
CA GLU A 165 -17.47 6.16 1.64
C GLU A 165 -16.82 7.49 1.89
N PTR A 166 -15.81 7.73 1.09
CA PTR A 166 -15.06 8.97 1.13
C PTR A 166 -15.00 9.53 -0.30
O PTR A 166 -14.77 8.80 -1.28
CB PTR A 166 -13.65 8.72 1.70
CG PTR A 166 -12.65 9.84 1.47
CD1 PTR A 166 -12.06 10.01 0.23
CD2 PTR A 166 -12.32 10.78 2.49
CE1 PTR A 166 -11.15 11.04 -0.01
CE2 PTR A 166 -11.37 11.85 2.24
CZ PTR A 166 -10.80 11.98 0.96
OH PTR A 166 -9.77 12.85 0.54
P PTR A 166 -9.52 14.32 1.23
O1P PTR A 166 -10.01 15.18 0.13
O2P PTR A 166 -8.09 14.64 1.64
O3P PTR A 166 -10.40 14.42 2.45
N THR A 167 -15.27 10.83 -0.41
CA THR A 167 -15.25 11.48 -1.72
C THR A 167 -13.99 12.34 -1.84
N ALA A 168 -13.22 12.08 -2.90
CA ALA A 168 -11.98 12.82 -3.15
C ALA A 168 -12.29 14.15 -3.84
N ARG A 169 -11.24 14.91 -4.16
CA ARG A 169 -11.43 16.18 -4.85
C ARG A 169 -11.69 15.93 -6.36
N GLU A 170 -12.29 16.92 -7.02
CA GLU A 170 -12.58 16.85 -8.45
C GLU A 170 -11.29 17.01 -9.23
N GLY A 171 -10.30 17.59 -8.57
CA GLY A 171 -9.00 17.81 -9.18
C GLY A 171 -8.00 16.73 -8.77
N ALA A 172 -8.33 15.97 -7.73
CA ALA A 172 -7.46 14.89 -7.28
C ALA A 172 -7.41 13.85 -8.39
N LYS A 173 -6.22 13.43 -8.78
CA LYS A 173 -6.07 12.45 -9.86
C LYS A 173 -5.42 11.20 -9.32
N PHE A 174 -5.81 10.03 -9.84
CA PHE A 174 -5.23 8.78 -9.35
C PHE A 174 -4.75 7.86 -10.46
N PRO A 175 -3.87 6.91 -10.13
CA PRO A 175 -3.35 5.99 -11.15
C PRO A 175 -4.52 5.24 -11.76
N ILE A 176 -4.70 5.44 -13.07
CA ILE A 176 -5.79 4.81 -13.78
C ILE A 176 -5.82 3.27 -13.73
N LYS A 177 -4.69 2.63 -14.01
CA LYS A 177 -4.65 1.17 -14.03
C LYS A 177 -4.89 0.46 -12.70
N TRP A 178 -4.69 1.18 -11.60
CA TRP A 178 -4.87 0.61 -10.27
C TRP A 178 -6.15 1.03 -9.55
N THR A 179 -6.81 2.05 -10.07
CA THR A 179 -8.01 2.58 -9.42
C THR A 179 -9.35 2.10 -9.96
N ALA A 180 -10.29 1.83 -9.05
CA ALA A 180 -11.62 1.37 -9.45
C ALA A 180 -12.33 2.44 -10.29
N PRO A 181 -13.11 2.01 -11.29
CA PRO A 181 -13.85 2.93 -12.15
C PRO A 181 -14.64 3.99 -11.40
N GLU A 182 -15.42 3.57 -10.40
CA GLU A 182 -16.23 4.49 -9.60
C GLU A 182 -15.38 5.59 -8.97
N ALA A 183 -14.14 5.27 -8.63
CA ALA A 183 -13.23 6.24 -8.01
C ALA A 183 -12.69 7.19 -9.07
N ILE A 184 -12.28 6.66 -10.22
CA ILE A 184 -11.77 7.50 -11.30
C ILE A 184 -12.88 8.39 -11.85
N ASN A 185 -14.09 7.84 -11.89
CA ASN A 185 -15.23 8.57 -12.44
C ASN A 185 -15.90 9.59 -11.54
N TYR A 186 -16.22 9.20 -10.32
CA TYR A 186 -16.91 10.07 -9.37
C TYR A 186 -16.10 10.45 -8.14
N GLY A 187 -14.85 10.00 -8.11
CA GLY A 187 -13.98 10.30 -6.98
C GLY A 187 -14.42 9.65 -5.70
N THR A 188 -15.39 8.75 -5.79
CA THR A 188 -15.90 8.08 -4.60
C THR A 188 -15.14 6.79 -4.34
N PHE A 189 -14.56 6.69 -3.14
CA PHE A 189 -13.81 5.50 -2.73
C PHE A 189 -14.49 4.82 -1.54
N THR A 190 -14.35 3.49 -1.49
CA THR A 190 -14.87 2.67 -0.40
C THR A 190 -13.89 1.52 -0.28
N ILE A 191 -14.01 0.72 0.76
CA ILE A 191 -13.12 -0.40 0.92
C ILE A 191 -13.18 -1.27 -0.34
N LYS A 192 -14.31 -1.24 -1.04
CA LYS A 192 -14.45 -2.03 -2.26
C LYS A 192 -13.58 -1.49 -3.38
N SER A 193 -13.23 -0.22 -3.30
CA SER A 193 -12.35 0.38 -4.29
C SER A 193 -10.98 -0.26 -4.08
N ASP A 194 -10.62 -0.45 -2.81
CA ASP A 194 -9.34 -1.06 -2.49
C ASP A 194 -9.32 -2.53 -2.97
N VAL A 195 -10.46 -3.20 -2.87
CA VAL A 195 -10.56 -4.59 -3.32
C VAL A 195 -10.20 -4.67 -4.80
N TRP A 196 -10.63 -3.66 -5.56
CA TRP A 196 -10.33 -3.64 -7.00
C TRP A 196 -8.83 -3.55 -7.19
N SER A 197 -8.21 -2.61 -6.47
CA SER A 197 -6.77 -2.40 -6.54
C SER A 197 -6.03 -3.67 -6.18
N PHE A 198 -6.55 -4.41 -5.20
CA PHE A 198 -5.90 -5.66 -4.78
C PHE A 198 -5.85 -6.63 -5.97
N GLY A 199 -6.90 -6.62 -6.77
CA GLY A 199 -6.95 -7.49 -7.94
C GLY A 199 -5.78 -7.16 -8.85
N ILE A 200 -5.59 -5.87 -9.10
CA ILE A 200 -4.50 -5.38 -9.94
C ILE A 200 -3.16 -5.78 -9.29
N LEU A 201 -3.06 -5.63 -7.99
CA LEU A 201 -1.83 -5.96 -7.26
C LEU A 201 -1.49 -7.43 -7.48
N LEU A 202 -2.51 -8.29 -7.48
CA LEU A 202 -2.32 -9.70 -7.71
C LEU A 202 -1.59 -9.92 -9.05
N THR A 203 -1.93 -9.15 -10.08
CA THR A 203 -1.27 -9.34 -11.37
C THR A 203 0.19 -8.93 -11.24
N GLU A 204 0.45 -7.96 -10.37
CA GLU A 204 1.82 -7.51 -10.14
C GLU A 204 2.65 -8.61 -9.49
N ILE A 205 2.03 -9.35 -8.56
CA ILE A 205 2.69 -10.43 -7.84
C ILE A 205 3.09 -11.58 -8.78
N VAL A 206 2.11 -12.10 -9.53
CA VAL A 206 2.37 -13.21 -10.42
C VAL A 206 3.22 -12.91 -11.63
N THR A 207 3.35 -11.63 -11.98
CA THR A 207 4.18 -11.25 -13.14
C THR A 207 5.50 -10.67 -12.67
N HIS A 208 5.79 -10.82 -11.39
CA HIS A 208 7.04 -10.31 -10.84
C HIS A 208 7.25 -8.83 -11.08
N GLY A 209 6.18 -8.06 -10.88
CA GLY A 209 6.27 -6.61 -11.02
C GLY A 209 5.98 -5.95 -12.35
N ARG A 210 5.38 -6.67 -13.30
CA ARG A 210 5.08 -6.06 -14.58
C ARG A 210 3.95 -5.04 -14.46
N ILE A 211 3.97 -4.04 -15.34
CA ILE A 211 2.94 -3.02 -15.36
C ILE A 211 1.65 -3.66 -15.86
N PRO A 212 0.55 -3.51 -15.11
CA PRO A 212 -0.73 -4.09 -15.52
C PRO A 212 -1.20 -3.64 -16.90
N TYR A 213 -2.17 -4.37 -17.45
CA TYR A 213 -2.74 -4.06 -18.77
C TYR A 213 -1.64 -3.84 -19.81
N PRO A 214 -0.78 -4.84 -20.01
CA PRO A 214 0.35 -4.82 -20.96
C PRO A 214 -0.03 -4.28 -22.35
N GLY A 215 0.80 -3.35 -22.84
CA GLY A 215 0.59 -2.76 -24.15
C GLY A 215 -0.61 -1.86 -24.31
N MET A 216 -1.20 -1.43 -23.20
CA MET A 216 -2.36 -0.57 -23.24
C MET A 216 -2.11 0.77 -22.57
N THR A 217 -2.62 1.82 -23.21
CA THR A 217 -2.51 3.19 -22.70
C THR A 217 -3.70 3.30 -21.74
N ASN A 218 -3.73 4.34 -20.92
CA ASN A 218 -4.84 4.51 -19.99
C ASN A 218 -6.19 4.68 -20.70
N PRO A 219 -6.24 5.47 -21.79
CA PRO A 219 -7.53 5.61 -22.47
C PRO A 219 -8.04 4.22 -22.87
N GLU A 220 -7.13 3.38 -23.35
CA GLU A 220 -7.45 2.03 -23.77
C GLU A 220 -7.93 1.19 -22.60
N VAL A 221 -7.26 1.30 -21.46
CA VAL A 221 -7.67 0.53 -20.28
C VAL A 221 -9.12 0.88 -19.93
N ILE A 222 -9.39 2.17 -19.81
CA ILE A 222 -10.74 2.64 -19.48
C ILE A 222 -11.79 2.19 -20.48
N GLN A 223 -11.50 2.34 -21.77
CA GLN A 223 -12.43 1.95 -22.82
C GLN A 223 -12.74 0.45 -22.79
N ASN A 224 -11.71 -0.36 -22.59
CA ASN A 224 -11.89 -1.81 -22.56
C ASN A 224 -12.70 -2.26 -21.35
N LEU A 225 -12.47 -1.62 -20.22
CA LEU A 225 -13.18 -1.98 -19.01
C LEU A 225 -14.68 -1.72 -19.23
N GLU A 226 -15.01 -0.58 -19.83
CA GLU A 226 -16.41 -0.23 -20.09
C GLU A 226 -17.14 -1.21 -21.00
N ARG A 227 -16.37 -1.94 -21.81
CA ARG A 227 -16.94 -2.93 -22.72
C ARG A 227 -17.21 -4.23 -21.99
N GLY A 228 -16.71 -4.33 -20.76
CA GLY A 228 -16.89 -5.53 -19.98
C GLY A 228 -15.62 -6.35 -19.92
N TYR A 229 -14.60 -5.97 -20.69
CA TYR A 229 -13.35 -6.71 -20.67
C TYR A 229 -12.62 -6.41 -19.36
N ARG A 230 -11.68 -7.27 -19.02
CA ARG A 230 -10.86 -7.08 -17.83
C ARG A 230 -9.46 -7.44 -18.32
N MET A 231 -8.44 -7.19 -17.49
CA MET A 231 -7.07 -7.50 -17.89
C MET A 231 -6.93 -8.93 -18.40
N VAL A 232 -6.13 -9.09 -19.45
CA VAL A 232 -5.87 -10.38 -20.04
C VAL A 232 -5.13 -11.30 -19.05
N ARG A 233 -5.43 -12.59 -19.09
CA ARG A 233 -4.76 -13.54 -18.20
C ARG A 233 -3.25 -13.35 -18.31
N PRO A 234 -2.59 -13.01 -17.20
CA PRO A 234 -1.13 -12.80 -17.21
C PRO A 234 -0.45 -14.13 -17.54
N ASP A 235 0.72 -14.06 -18.18
CA ASP A 235 1.42 -15.29 -18.51
C ASP A 235 1.73 -16.01 -17.20
N ASN A 236 1.67 -17.34 -17.24
CA ASN A 236 1.95 -18.18 -16.08
C ASN A 236 1.22 -17.80 -14.80
N CYS A 237 -0.10 -17.64 -14.90
CA CYS A 237 -0.91 -17.28 -13.74
C CYS A 237 -1.93 -18.39 -13.52
N PRO A 238 -1.92 -18.98 -12.32
CA PRO A 238 -2.88 -20.06 -12.04
C PRO A 238 -4.29 -19.55 -12.34
N GLU A 239 -5.09 -20.40 -12.96
CA GLU A 239 -6.46 -20.03 -13.31
C GLU A 239 -7.31 -19.72 -12.07
N GLU A 240 -7.09 -20.45 -10.98
CA GLU A 240 -7.84 -20.21 -9.74
C GLU A 240 -7.61 -18.76 -9.31
N LEU A 241 -6.35 -18.35 -9.36
CA LEU A 241 -5.99 -16.99 -9.00
C LEU A 241 -6.59 -15.99 -9.98
N TYR A 242 -6.50 -16.28 -11.29
CA TYR A 242 -7.07 -15.35 -12.26
C TYR A 242 -8.54 -15.13 -11.93
N GLN A 243 -9.24 -16.19 -11.55
CA GLN A 243 -10.66 -16.07 -11.24
C GLN A 243 -10.88 -15.26 -9.96
N LEU A 244 -9.95 -15.34 -9.03
CA LEU A 244 -10.07 -14.58 -7.80
C LEU A 244 -9.91 -13.10 -8.16
N MET A 245 -9.01 -12.80 -9.10
CA MET A 245 -8.79 -11.43 -9.56
C MET A 245 -10.10 -10.86 -10.13
N ARG A 246 -10.78 -11.67 -10.92
CA ARG A 246 -12.04 -11.27 -11.53
C ARG A 246 -13.10 -10.87 -10.51
N LEU A 247 -13.12 -11.53 -9.36
CA LEU A 247 -14.08 -11.18 -8.32
C LEU A 247 -13.81 -9.75 -7.88
N CYS A 248 -12.53 -9.41 -7.77
CA CYS A 248 -12.12 -8.07 -7.37
C CYS A 248 -12.50 -7.02 -8.39
N TRP A 249 -12.77 -7.44 -9.62
CA TRP A 249 -13.12 -6.49 -10.67
C TRP A 249 -14.57 -6.48 -11.11
N LYS A 250 -15.48 -6.94 -10.26
CA LYS A 250 -16.88 -6.91 -10.65
C LYS A 250 -17.36 -5.46 -10.83
N GLU A 251 -18.33 -5.29 -11.72
CA GLU A 251 -18.91 -3.98 -12.03
C GLU A 251 -19.41 -3.20 -10.80
N ARG A 252 -20.32 -3.80 -10.04
CA ARG A 252 -20.85 -3.14 -8.85
C ARG A 252 -19.88 -3.30 -7.69
N PRO A 253 -19.50 -2.18 -7.04
CA PRO A 253 -18.57 -2.26 -5.90
C PRO A 253 -19.04 -3.30 -4.88
N GLU A 254 -20.33 -3.27 -4.59
CA GLU A 254 -20.92 -4.18 -3.62
C GLU A 254 -20.82 -5.65 -4.00
N ASP A 255 -20.62 -5.94 -5.29
CA ASP A 255 -20.52 -7.33 -5.71
C ASP A 255 -19.14 -7.94 -5.47
N ARG A 256 -18.14 -7.08 -5.29
CA ARG A 256 -16.78 -7.52 -5.02
C ARG A 256 -16.77 -8.08 -3.60
N PRO A 257 -15.91 -9.08 -3.33
CA PRO A 257 -15.84 -9.71 -2.01
C PRO A 257 -15.15 -8.85 -0.95
N THR A 258 -15.16 -9.34 0.28
CA THR A 258 -14.50 -8.64 1.38
C THR A 258 -13.04 -9.09 1.39
N PHE A 259 -12.19 -8.31 2.07
CA PHE A 259 -10.79 -8.68 2.17
C PHE A 259 -10.62 -9.92 3.04
N ASP A 260 -11.50 -10.11 4.01
CA ASP A 260 -11.37 -11.29 4.86
C ASP A 260 -11.59 -12.53 3.99
N TYR A 261 -12.56 -12.45 3.10
CA TYR A 261 -12.86 -13.54 2.19
C TYR A 261 -11.64 -13.83 1.33
N LEU A 262 -11.11 -12.78 0.72
CA LEU A 262 -9.92 -12.90 -0.12
C LEU A 262 -8.81 -13.56 0.67
N ARG A 263 -8.63 -13.14 1.92
CA ARG A 263 -7.60 -13.73 2.76
C ARG A 263 -7.80 -15.24 2.87
N SER A 264 -9.01 -15.65 3.27
CA SER A 264 -9.33 -17.07 3.44
C SER A 264 -9.05 -17.88 2.20
N VAL A 265 -9.48 -17.37 1.04
CA VAL A 265 -9.26 -18.09 -0.21
C VAL A 265 -7.77 -18.23 -0.49
N LEU A 266 -7.04 -17.13 -0.40
CA LEU A 266 -5.61 -17.17 -0.66
C LEU A 266 -4.91 -18.14 0.29
N GLU A 267 -5.35 -18.16 1.55
CA GLU A 267 -4.74 -19.05 2.54
C GLU A 267 -4.98 -20.51 2.14
N ASP A 268 -6.16 -20.80 1.60
CA ASP A 268 -6.46 -22.16 1.14
C ASP A 268 -5.56 -22.47 -0.05
N PHE A 269 -5.46 -21.53 -0.98
CA PHE A 269 -4.61 -21.70 -2.16
C PHE A 269 -3.18 -21.97 -1.73
N PHE A 270 -2.72 -21.22 -0.72
CA PHE A 270 -1.36 -21.38 -0.21
C PHE A 270 -1.16 -22.75 0.43
N THR A 271 -2.07 -23.13 1.33
CA THR A 271 -1.96 -24.44 1.97
C THR A 271 -2.01 -25.60 0.97
N ALA A 272 -2.66 -25.39 -0.16
CA ALA A 272 -2.75 -26.43 -1.17
C ALA A 272 -1.38 -26.66 -1.81
N THR A 273 -0.81 -25.60 -2.36
CA THR A 273 0.48 -25.65 -3.06
C THR A 273 1.67 -25.88 -2.16
S SO4 B . -12.84 -10.92 -20.72
O1 SO4 B . -12.80 -10.12 -19.48
O2 SO4 B . -12.12 -10.27 -21.74
O3 SO4 B . -12.41 -12.28 -20.39
O4 SO4 B . -14.23 -11.06 -21.05
C13 1N9 C . 11.55 0.67 3.75
N1 1N9 C . 10.89 1.70 3.18
C19 1N9 C . 9.98 2.41 3.87
C20 1N9 C . 9.67 2.09 5.25
C5 1N9 C . 10.38 1.01 5.78
N3 1N9 C . 11.27 0.36 5.02
N4 1N9 C . 12.51 -0.05 3.11
C9 1N9 C . 12.99 0.11 1.82
N6 1N9 C . 9.39 3.45 3.14
C10 1N9 C . 9.74 3.83 1.83
C11 1N9 C . 8.73 3.70 0.79
C12 1N9 C . 8.36 4.11 3.78
C14 1N9 C . 11.07 4.38 1.57
C15 1N9 C . 11.40 4.80 0.26
C16 1N9 C . 10.40 4.66 -0.77
C17 1N9 C . 9.06 4.13 -0.54
C18 1N9 C . 12.25 0.66 0.70
C21 1N9 C . 12.84 0.74 -0.59
C22 1N9 C . 14.19 0.24 -0.72
C23 1N9 C . 14.93 -0.29 0.38
C24 1N9 C . 14.31 -0.36 1.67
O1 1N9 C . 8.35 5.55 3.39
C25 1N9 C . 7.36 6.37 4.18
C26 1N9 C . 7.73 6.79 5.48
C27 1N9 C . 6.78 7.58 6.23
C28 1N9 C . 5.53 7.87 5.59
C29 1N9 C . 5.19 7.43 4.27
C30 1N9 C . 6.15 6.64 3.53
C31 1N9 C . 5.89 6.12 2.16
C32 1N9 C . 9.03 6.39 6.08
O6 1N9 C . 16.24 -0.72 0.12
C33 1N9 C . 17.05 -1.29 1.15
O2 1N9 C . 7.56 3.72 4.52
O3 1N9 C . 10.84 5.03 -2.04
O4 1N9 C . 7.48 3.13 1.17
C36 1N9 C . 6.36 3.20 0.25
C37 1N9 C . 9.96 5.75 -2.91
O5 1N9 C . 14.75 0.29 -2.01
C7 1N9 C . 15.32 1.57 -2.28
C8 1N9 C . 16.10 1.47 -3.55
C35 1N9 C . 15.23 0.92 -4.68
O7 1N9 C . 12.18 1.30 -1.71
C34 1N9 C . 10.75 1.23 -1.89
C1 1N9 C . 17.69 1.94 -7.50
N2 1N9 C . 17.06 1.05 -8.54
C3 1N9 C . 15.55 1.03 -8.49
C4 1N9 C . 15.08 0.57 -7.06
N5 1N9 C . 15.68 1.43 -6.00
C6 1N9 C . 17.18 1.43 -6.11
C2 1N9 C . 17.54 -0.35 -8.43
#